data_6K9Z
#
_entry.id   6K9Z
#
_cell.length_a   62.188
_cell.length_b   62.188
_cell.length_c   308.594
_cell.angle_alpha   90.000
_cell.angle_beta   90.000
_cell.angle_gamma   120.000
#
_symmetry.space_group_name_H-M   'P 32 2 1'
#
loop_
_entity.id
_entity.type
_entity.pdbx_description
1 polymer 'Galactose-1-phosphate uridylyltransferase'
2 non-polymer 'ZINC ION'
3 non-polymer 'FE (III) ION'
4 non-polymer 'ACETATE ION'
5 non-polymer "URIDINE-5'-DIPHOSPHATE"
6 water water
#
_entity_poly.entity_id   1
_entity_poly.type   'polypeptide(L)'
_entity_poly.pdbx_seq_one_letter_code
;MEIRKDPFTGEYILVSPHRLKRPWQPEGACPFCPGAPETGRGWDVLILPNRYPVVTENPPEPTAEDLYEVIPARGSSLVV
VETPQHDVDDLSDLPLGQIKKILTAVAEAQRKAEKEGNAAYFLFFRNKGKEIGVSLTHPFSQIYILPVVPPRVRAELQAS
YEWYVKHGSCLHCRIVEKEEKRLVFQNRNWKAFVPFYAKWPHEVHIYPKRHRSLLTELTDEEVADLAEALKITLCALKQV
AGIPMPYIMVLHQAPLPRPTQYYHLHFEIYGMYRPDGKLKHAAGAELGASLFTLDTTPEETAARIKAALQKCLKHSAD
;
_entity_poly.pdbx_strand_id   A,B
#
# COMPACT_ATOMS: atom_id res chain seq x y z
N MET A 1 -15.71 -3.16 -17.64
CA MET A 1 -15.74 -3.18 -16.15
C MET A 1 -15.60 -4.63 -15.67
N GLU A 2 -14.54 -4.92 -14.92
CA GLU A 2 -14.30 -6.30 -14.43
C GLU A 2 -13.28 -6.31 -13.30
N ILE A 3 -13.09 -7.46 -12.66
CA ILE A 3 -12.04 -7.59 -11.62
C ILE A 3 -10.88 -8.39 -12.24
N ARG A 4 -9.74 -7.73 -12.46
CA ARG A 4 -8.55 -8.41 -12.99
C ARG A 4 -7.70 -8.93 -11.85
N LYS A 5 -6.90 -9.97 -12.11
CA LYS A 5 -6.03 -10.56 -11.07
C LYS A 5 -4.58 -10.49 -11.52
N ASP A 6 -3.75 -9.99 -10.61
CA ASP A 6 -2.27 -9.95 -10.81
C ASP A 6 -1.77 -11.40 -10.72
N PRO A 7 -1.17 -11.95 -11.78
CA PRO A 7 -0.79 -13.36 -11.75
C PRO A 7 0.49 -13.62 -10.95
N PHE A 8 1.17 -12.56 -10.48
CA PHE A 8 2.35 -12.67 -9.60
C PHE A 8 2.01 -12.48 -8.14
N THR A 9 0.94 -11.76 -7.80
CA THR A 9 0.64 -11.49 -6.39
C THR A 9 -0.74 -12.04 -5.99
N GLY A 10 -1.61 -12.32 -6.91
CA GLY A 10 -3.01 -12.66 -6.56
C GLY A 10 -3.81 -11.43 -6.19
N GLU A 11 -3.26 -10.23 -6.32
CA GLU A 11 -4.07 -9.06 -5.99
C GLU A 11 -5.14 -8.87 -7.05
N TYR A 12 -6.25 -8.25 -6.66
CA TYR A 12 -7.36 -7.93 -7.55
C TYR A 12 -7.35 -6.46 -7.88
N ILE A 13 -7.69 -6.15 -9.13
CA ILE A 13 -7.92 -4.76 -9.56
C ILE A 13 -9.38 -4.65 -10.03
N LEU A 14 -10.08 -3.68 -9.47
CA LEU A 14 -11.48 -3.35 -9.86
C LEU A 14 -11.37 -2.32 -10.97
N VAL A 15 -11.47 -2.79 -12.23
CA VAL A 15 -11.32 -1.90 -13.42
C VAL A 15 -12.72 -1.39 -13.78
N SER A 16 -13.08 -0.13 -13.53
CA SER A 16 -14.49 0.36 -13.66
C SER A 16 -14.43 1.71 -14.27
N PRO A 17 -14.28 1.73 -15.63
CA PRO A 17 -14.23 2.96 -16.42
C PRO A 17 -15.59 3.63 -16.74
N GLN A 25 -27.21 18.11 -9.72
CA GLN A 25 -26.85 18.99 -8.58
C GLN A 25 -25.85 20.05 -9.02
N PRO A 26 -26.00 21.32 -8.56
CA PRO A 26 -25.03 22.38 -8.87
C PRO A 26 -23.62 22.05 -8.31
N GLU A 27 -22.59 22.61 -8.95
CA GLU A 27 -21.21 22.36 -8.50
C GLU A 27 -21.05 22.87 -7.06
N GLY A 28 -20.42 22.06 -6.20
CA GLY A 28 -20.20 22.40 -4.78
C GLY A 28 -21.32 21.93 -3.87
N ALA A 29 -22.43 21.42 -4.42
CA ALA A 29 -23.54 20.92 -3.58
C ALA A 29 -23.10 19.63 -2.88
N CYS A 30 -23.59 19.35 -1.66
CA CYS A 30 -23.13 18.09 -1.00
C CYS A 30 -24.09 16.96 -1.35
N PRO A 31 -23.60 15.83 -1.93
CA PRO A 31 -24.48 14.71 -2.33
C PRO A 31 -25.10 13.93 -1.14
N PHE A 32 -24.54 14.14 0.05
CA PHE A 32 -24.81 13.32 1.27
C PHE A 32 -25.64 14.10 2.30
N CYS A 33 -25.79 15.41 2.16
CA CYS A 33 -26.70 16.20 3.00
C CYS A 33 -28.17 15.78 2.78
N PRO A 34 -28.99 15.95 3.84
CA PRO A 34 -30.43 15.73 3.73
C PRO A 34 -30.96 16.70 2.65
N GLY A 35 -31.85 16.23 1.78
CA GLY A 35 -32.40 17.07 0.69
C GLY A 35 -31.65 16.89 -0.64
N ALA A 36 -30.46 16.27 -0.62
CA ALA A 36 -29.76 15.86 -1.87
C ALA A 36 -30.65 14.81 -2.57
N PRO A 37 -30.46 14.59 -3.90
CA PRO A 37 -31.39 13.79 -4.70
C PRO A 37 -31.56 12.34 -4.20
N GLU A 38 -30.53 11.79 -3.59
CA GLU A 38 -30.55 10.34 -3.28
C GLU A 38 -30.72 10.13 -1.77
N THR A 39 -30.68 11.21 -0.98
CA THR A 39 -30.69 11.07 0.51
C THR A 39 -32.07 11.20 1.18
N GLY A 40 -32.93 12.12 0.73
CA GLY A 40 -34.21 12.29 1.42
C GLY A 40 -34.04 13.02 2.75
N ARG A 41 -34.97 12.83 3.70
CA ARG A 41 -34.89 13.53 5.00
C ARG A 41 -35.44 12.68 6.14
N GLY A 42 -35.19 13.09 7.39
CA GLY A 42 -35.65 12.39 8.60
C GLY A 42 -34.86 11.13 8.94
N TRP A 43 -33.59 11.06 8.52
CA TRP A 43 -32.75 9.86 8.80
C TRP A 43 -31.57 10.23 9.72
N ASP A 44 -31.15 9.27 10.55
CA ASP A 44 -29.98 9.43 11.44
C ASP A 44 -28.76 8.92 10.68
N VAL A 45 -28.94 7.79 9.97
CA VAL A 45 -27.87 7.12 9.18
C VAL A 45 -28.47 6.64 7.88
N LEU A 46 -27.72 6.78 6.79
CA LEU A 46 -28.18 6.38 5.46
C LEU A 46 -27.12 5.51 4.81
N ILE A 47 -27.49 4.35 4.26
CA ILE A 47 -26.56 3.52 3.46
C ILE A 47 -27.09 3.56 2.03
N LEU A 48 -26.36 3.99 1.10
CA LEU A 48 -26.88 4.26 -0.24
C LEU A 48 -25.87 3.87 -1.29
N PRO A 49 -26.39 3.57 -2.49
CA PRO A 49 -25.54 3.08 -3.57
C PRO A 49 -24.48 4.11 -3.95
N ASN A 50 -23.24 3.67 -4.17
CA ASN A 50 -22.18 4.60 -4.61
C ASN A 50 -22.51 5.05 -6.04
N ARG A 51 -22.34 6.34 -6.34
CA ARG A 51 -22.63 6.90 -7.68
C ARG A 51 -21.73 6.25 -8.73
N TYR A 52 -20.48 5.96 -8.35
CA TYR A 52 -19.51 5.31 -9.27
C TYR A 52 -19.10 3.98 -8.61
N PRO A 53 -19.89 2.94 -8.85
CA PRO A 53 -19.65 1.66 -8.18
C PRO A 53 -18.57 0.81 -8.83
N VAL A 54 -17.61 0.37 -8.01
CA VAL A 54 -16.50 -0.53 -8.43
C VAL A 54 -17.08 -1.91 -8.74
N VAL A 55 -18.14 -2.27 -8.03
CA VAL A 55 -18.87 -3.56 -8.23
C VAL A 55 -20.37 -3.25 -8.32
N THR A 56 -21.11 -4.04 -9.10
CA THR A 56 -22.58 -3.84 -9.26
C THR A 56 -23.30 -5.19 -9.31
N GLU A 57 -24.62 -5.16 -9.07
CA GLU A 57 -25.47 -6.37 -9.10
C GLU A 57 -25.46 -6.97 -10.51
N ASN A 58 -25.35 -6.14 -11.54
CA ASN A 58 -25.41 -6.66 -12.94
C ASN A 58 -24.18 -6.21 -13.73
N PRO A 59 -23.02 -6.79 -13.41
CA PRO A 59 -21.77 -6.45 -14.11
C PRO A 59 -21.74 -7.05 -15.52
N PRO A 60 -21.07 -6.37 -16.46
CA PRO A 60 -20.96 -6.90 -17.82
C PRO A 60 -20.02 -8.11 -17.88
N GLU A 61 -19.99 -8.72 -19.07
CA GLU A 61 -19.02 -9.78 -19.39
C GLU A 61 -17.61 -9.20 -19.22
N PRO A 62 -16.74 -9.84 -18.42
CA PRO A 62 -15.39 -9.32 -18.25
C PRO A 62 -14.48 -9.42 -19.49
N THR A 63 -13.57 -8.46 -19.64
CA THR A 63 -12.50 -8.44 -20.67
C THR A 63 -11.58 -9.64 -20.46
N ALA A 64 -11.48 -10.54 -21.44
CA ALA A 64 -10.66 -11.77 -21.30
C ALA A 64 -9.38 -11.71 -22.14
N GLU A 65 -8.25 -12.06 -21.51
CA GLU A 65 -6.91 -12.18 -22.15
C GLU A 65 -6.38 -13.57 -21.81
N ASP A 66 -5.64 -14.21 -22.71
CA ASP A 66 -5.27 -15.64 -22.59
C ASP A 66 -4.52 -16.02 -21.30
N LEU A 67 -3.52 -15.24 -20.88
CA LEU A 67 -2.67 -15.65 -19.73
C LEU A 67 -3.28 -15.21 -18.39
N TYR A 68 -4.46 -14.55 -18.38
CA TYR A 68 -4.92 -13.76 -17.20
C TYR A 68 -6.29 -14.21 -16.74
N GLU A 69 -6.51 -14.13 -15.42
CA GLU A 69 -7.82 -14.44 -14.82
C GLU A 69 -8.62 -13.15 -14.68
N VAL A 70 -9.86 -13.16 -15.16
CA VAL A 70 -10.77 -11.99 -14.98
C VAL A 70 -12.09 -12.53 -14.43
N ILE A 71 -12.70 -11.80 -13.48
CA ILE A 71 -13.99 -12.28 -12.90
C ILE A 71 -14.99 -11.13 -12.94
N PRO A 72 -16.28 -11.46 -12.99
CA PRO A 72 -17.30 -10.42 -13.04
C PRO A 72 -17.24 -9.55 -11.77
N ALA A 73 -17.40 -8.25 -11.96
CA ALA A 73 -17.41 -7.22 -10.89
C ALA A 73 -18.78 -7.23 -10.23
N ARG A 74 -19.12 -8.39 -9.67
CA ARG A 74 -20.44 -8.65 -9.07
C ARG A 74 -20.41 -8.33 -7.58
N GLY A 75 -21.31 -7.45 -7.14
CA GLY A 75 -21.33 -6.96 -5.75
C GLY A 75 -22.06 -5.65 -5.61
N SER A 76 -21.78 -4.96 -4.51
CA SER A 76 -22.41 -3.66 -4.18
C SER A 76 -21.30 -2.77 -3.64
N SER A 77 -21.38 -1.51 -4.00
CA SER A 77 -20.51 -0.45 -3.45
C SER A 77 -21.45 0.59 -2.83
N LEU A 78 -21.34 0.74 -1.51
CA LEU A 78 -22.27 1.52 -0.68
C LEU A 78 -21.51 2.64 0.05
N VAL A 79 -22.20 3.73 0.25
CA VAL A 79 -21.76 4.88 1.08
C VAL A 79 -22.58 4.84 2.34
N VAL A 80 -21.90 4.92 3.46
CA VAL A 80 -22.54 5.04 4.79
C VAL A 80 -22.47 6.54 5.14
N VAL A 81 -23.59 7.24 5.07
CA VAL A 81 -23.69 8.65 5.50
C VAL A 81 -23.92 8.57 6.99
N GLU A 82 -22.93 9.03 7.75
CA GLU A 82 -22.78 8.76 9.20
C GLU A 82 -23.65 9.66 10.08
N THR A 83 -24.13 10.78 9.55
CA THR A 83 -24.91 11.82 10.28
C THR A 83 -25.54 12.71 9.23
N PRO A 84 -26.73 13.29 9.49
CA PRO A 84 -27.29 14.31 8.61
C PRO A 84 -26.51 15.65 8.68
N GLN A 85 -25.72 15.83 9.74
CA GLN A 85 -24.97 17.10 9.96
C GLN A 85 -23.67 17.11 9.13
N HIS A 86 -23.56 18.07 8.20
CA HIS A 86 -22.37 18.22 7.33
C HIS A 86 -21.14 18.72 8.09
N ASP A 87 -21.31 19.69 9.00
CA ASP A 87 -20.14 20.32 9.67
C ASP A 87 -19.68 19.58 10.93
N VAL A 88 -19.22 18.34 10.76
CA VAL A 88 -18.61 17.56 11.86
C VAL A 88 -17.24 17.18 11.28
N ASP A 89 -16.12 17.47 11.95
CA ASP A 89 -14.79 17.11 11.37
C ASP A 89 -14.65 15.59 11.27
N ASP A 90 -15.01 14.85 12.33
CA ASP A 90 -14.62 13.40 12.45
C ASP A 90 -15.78 12.55 13.02
N LEU A 91 -15.72 11.25 12.78
CA LEU A 91 -16.58 10.24 13.46
C LEU A 91 -16.51 10.46 14.96
N SER A 92 -15.32 10.74 15.50
CA SER A 92 -15.09 10.89 16.96
C SER A 92 -15.80 12.13 17.53
N ASP A 93 -16.27 13.06 16.68
CA ASP A 93 -17.02 14.25 17.18
C ASP A 93 -18.50 13.93 17.37
N LEU A 94 -18.95 12.78 16.92
CA LEU A 94 -20.39 12.40 17.04
C LEU A 94 -20.64 11.78 18.42
N PRO A 95 -21.86 11.93 18.96
CA PRO A 95 -22.20 11.34 20.24
C PRO A 95 -22.11 9.81 20.14
N LEU A 96 -21.77 9.18 21.27
CA LEU A 96 -21.72 7.70 21.38
C LEU A 96 -22.96 7.07 20.74
N GLY A 97 -24.18 7.58 21.05
CA GLY A 97 -25.44 7.02 20.53
C GLY A 97 -25.52 7.05 19.02
N GLN A 98 -24.95 8.08 18.39
CA GLN A 98 -24.97 8.21 16.92
C GLN A 98 -23.98 7.16 16.34
N ILE A 99 -22.78 7.02 16.93
CA ILE A 99 -21.78 6.03 16.45
C ILE A 99 -22.43 4.63 16.59
N LYS A 100 -23.12 4.35 17.71
CA LYS A 100 -23.82 3.07 17.88
C LYS A 100 -24.83 2.84 16.72
N LYS A 101 -25.59 3.86 16.34
CA LYS A 101 -26.59 3.73 15.23
C LYS A 101 -25.82 3.45 13.93
N ILE A 102 -24.66 4.05 13.72
CA ILE A 102 -23.87 3.78 12.46
C ILE A 102 -23.47 2.29 12.43
N LEU A 103 -22.90 1.80 13.53
CA LEU A 103 -22.43 0.38 13.62
C LEU A 103 -23.62 -0.58 13.43
N THR A 104 -24.77 -0.27 14.04
CA THR A 104 -25.99 -1.09 13.94
C THR A 104 -26.44 -1.15 12.50
N ALA A 105 -26.46 -0.01 11.80
CA ALA A 105 -26.91 0.03 10.39
C ALA A 105 -25.93 -0.79 9.51
N VAL A 106 -24.63 -0.67 9.77
CA VAL A 106 -23.62 -1.43 8.98
C VAL A 106 -23.81 -2.93 9.24
N ALA A 107 -24.05 -3.31 10.50
CA ALA A 107 -24.28 -4.73 10.80
C ALA A 107 -25.55 -5.21 10.04
N GLU A 108 -26.62 -4.41 10.03
CA GLU A 108 -27.89 -4.85 9.40
C GLU A 108 -27.63 -5.09 7.91
N ALA A 109 -26.85 -4.20 7.29
CA ALA A 109 -26.46 -4.30 5.87
C ALA A 109 -25.69 -5.62 5.69
N GLN A 110 -24.78 -5.95 6.63
CA GLN A 110 -24.01 -7.21 6.47
C GLN A 110 -24.94 -8.41 6.60
N ARG A 111 -25.94 -8.34 7.47
CA ARG A 111 -26.85 -9.52 7.63
C ARG A 111 -27.57 -9.76 6.29
N LYS A 112 -27.91 -8.68 5.59
CA LYS A 112 -28.56 -8.76 4.27
C LYS A 112 -27.57 -9.43 3.32
N ALA A 113 -26.30 -9.02 3.34
CA ALA A 113 -25.26 -9.57 2.43
C ALA A 113 -25.02 -11.05 2.74
N GLU A 114 -25.17 -11.44 4.03
CA GLU A 114 -24.91 -12.82 4.46
C GLU A 114 -25.97 -13.77 3.84
N LYS A 115 -27.12 -13.24 3.40
CA LYS A 115 -28.14 -14.01 2.61
C LYS A 115 -27.79 -14.15 1.13
N GLU A 116 -26.98 -13.24 0.59
CA GLU A 116 -26.71 -13.22 -0.86
C GLU A 116 -25.56 -14.18 -1.20
N GLY A 117 -25.88 -15.20 -2.00
CA GLY A 117 -24.88 -16.23 -2.37
C GLY A 117 -23.70 -15.63 -3.12
N ASN A 118 -23.87 -14.49 -3.78
CA ASN A 118 -22.77 -13.91 -4.62
C ASN A 118 -21.78 -13.12 -3.77
N ALA A 119 -21.99 -12.95 -2.46
CA ALA A 119 -21.12 -12.04 -1.67
C ALA A 119 -20.11 -12.88 -0.90
N ALA A 120 -18.85 -12.85 -1.28
CA ALA A 120 -17.74 -13.52 -0.54
C ALA A 120 -17.27 -12.70 0.66
N TYR A 121 -17.40 -11.39 0.61
CA TYR A 121 -16.75 -10.50 1.61
C TYR A 121 -17.54 -9.20 1.77
N PHE A 122 -17.60 -8.75 3.01
CA PHE A 122 -18.18 -7.44 3.38
C PHE A 122 -17.01 -6.61 3.90
N LEU A 123 -16.55 -5.63 3.11
CA LEU A 123 -15.42 -4.77 3.48
C LEU A 123 -15.95 -3.38 3.88
N PHE A 124 -15.84 -3.04 5.17
CA PHE A 124 -16.18 -1.70 5.71
C PHE A 124 -14.88 -0.91 5.92
N PHE A 125 -14.78 0.30 5.40
CA PHE A 125 -13.57 1.12 5.56
C PHE A 125 -13.94 2.59 5.61
N ARG A 126 -13.00 3.40 6.10
CA ARG A 126 -13.24 4.83 6.22
C ARG A 126 -11.93 5.52 5.89
N ASN A 127 -11.99 6.49 4.99
CA ASN A 127 -10.84 7.38 4.71
C ASN A 127 -11.17 8.75 5.29
N LYS A 128 -10.19 9.40 5.97
CA LYS A 128 -10.49 10.70 6.61
C LYS A 128 -9.32 11.64 6.34
N GLY A 129 -9.61 12.78 5.73
CA GLY A 129 -8.61 13.84 5.57
C GLY A 129 -8.40 14.21 4.12
N LYS A 130 -8.41 15.50 3.84
CA LYS A 130 -8.11 16.00 2.47
C LYS A 130 -6.71 15.48 2.05
N GLU A 131 -5.78 15.37 3.00
CA GLU A 131 -4.36 15.03 2.68
C GLU A 131 -4.22 13.61 2.12
N ILE A 132 -5.23 12.73 2.27
CA ILE A 132 -5.25 11.34 1.73
C ILE A 132 -6.38 11.16 0.71
N GLY A 133 -6.85 12.26 0.14
CA GLY A 133 -7.64 12.28 -1.10
C GLY A 133 -9.13 12.41 -0.83
N VAL A 134 -9.55 12.65 0.40
CA VAL A 134 -10.99 12.83 0.70
C VAL A 134 -11.38 14.29 0.48
N SER A 135 -11.98 14.56 -0.66
CA SER A 135 -12.44 15.91 -1.04
C SER A 135 -13.81 16.22 -0.42
N LEU A 136 -14.73 15.21 -0.33
CA LEU A 136 -16.09 15.48 0.24
C LEU A 136 -15.95 15.62 1.77
N THR A 137 -16.53 16.67 2.36
CA THR A 137 -16.31 17.04 3.79
C THR A 137 -17.38 16.41 4.70
N HIS A 138 -18.48 15.92 4.13
CA HIS A 138 -19.56 15.26 4.93
C HIS A 138 -19.02 13.97 5.49
N PRO A 139 -19.21 13.68 6.81
CA PRO A 139 -18.75 12.44 7.42
C PRO A 139 -19.41 11.24 6.73
N PHE A 140 -18.58 10.33 6.25
CA PHE A 140 -19.05 9.08 5.59
C PHE A 140 -17.95 8.02 5.65
N SER A 141 -18.41 6.81 5.48
CA SER A 141 -17.58 5.60 5.30
C SER A 141 -18.10 4.81 4.09
N GLN A 142 -17.49 3.68 3.80
CA GLN A 142 -17.77 2.93 2.57
C GLN A 142 -17.91 1.46 2.92
N ILE A 143 -18.75 0.78 2.15
CA ILE A 143 -18.82 -0.70 2.14
C ILE A 143 -18.63 -1.20 0.70
N TYR A 144 -17.75 -2.18 0.50
CA TYR A 144 -17.72 -2.98 -0.74
C TYR A 144 -18.19 -4.36 -0.34
N ILE A 145 -19.23 -4.83 -0.99
CA ILE A 145 -19.66 -6.25 -0.92
C ILE A 145 -19.09 -6.90 -2.17
N LEU A 146 -18.16 -7.81 -1.98
CA LEU A 146 -17.30 -8.30 -3.07
C LEU A 146 -17.48 -9.78 -3.34
N PRO A 147 -17.16 -10.21 -4.56
CA PRO A 147 -17.16 -11.62 -4.93
C PRO A 147 -15.86 -12.36 -4.60
N VAL A 148 -14.87 -11.65 -4.03
CA VAL A 148 -13.50 -12.15 -3.73
C VAL A 148 -13.20 -11.69 -2.32
N VAL A 149 -12.29 -12.38 -1.67
CA VAL A 149 -11.74 -11.96 -0.37
C VAL A 149 -10.61 -10.98 -0.63
N PRO A 150 -10.63 -9.82 -0.02
CA PRO A 150 -9.50 -8.89 -0.20
C PRO A 150 -8.14 -9.53 0.10
N PRO A 151 -7.12 -9.34 -0.77
CA PRO A 151 -5.85 -10.05 -0.60
C PRO A 151 -5.19 -9.91 0.78
N ARG A 152 -5.27 -8.73 1.40
CA ARG A 152 -4.59 -8.55 2.71
C ARG A 152 -5.30 -9.41 3.76
N VAL A 153 -6.62 -9.49 3.66
CA VAL A 153 -7.41 -10.33 4.61
C VAL A 153 -7.19 -11.79 4.28
N ARG A 154 -7.09 -12.18 3.01
CA ARG A 154 -6.77 -13.57 2.64
C ARG A 154 -5.45 -13.97 3.32
N ALA A 155 -4.40 -13.15 3.20
CA ALA A 155 -3.07 -13.47 3.78
C ALA A 155 -3.27 -13.67 5.31
N GLU A 156 -4.06 -12.81 5.95
CA GLU A 156 -4.23 -12.89 7.43
C GLU A 156 -5.00 -14.18 7.76
N LEU A 157 -6.00 -14.53 6.96
CA LEU A 157 -6.83 -15.73 7.20
C LEU A 157 -5.95 -16.96 7.07
N GLN A 158 -5.10 -17.00 6.05
CA GLN A 158 -4.25 -18.18 5.82
C GLN A 158 -3.28 -18.30 7.00
N ALA A 159 -2.59 -17.24 7.41
CA ALA A 159 -1.63 -17.36 8.53
C ALA A 159 -2.39 -17.76 9.80
N SER A 160 -3.55 -17.16 10.05
CA SER A 160 -4.39 -17.40 11.24
C SER A 160 -4.80 -18.88 11.31
N TYR A 161 -5.25 -19.41 10.18
CA TYR A 161 -5.66 -20.81 10.01
C TYR A 161 -4.48 -21.75 10.32
N GLU A 162 -3.33 -21.48 9.70
CA GLU A 162 -2.13 -22.35 9.81
C GLU A 162 -1.69 -22.37 11.28
N TRP A 163 -1.73 -21.22 11.94
CA TRP A 163 -1.33 -21.09 13.36
C TRP A 163 -2.26 -21.98 14.21
N TYR A 164 -3.57 -21.82 13.99
CA TYR A 164 -4.67 -22.51 14.73
C TYR A 164 -4.52 -24.03 14.59
N VAL A 165 -4.31 -24.48 13.34
CA VAL A 165 -4.11 -25.91 13.05
C VAL A 165 -2.81 -26.38 13.70
N LYS A 166 -1.73 -25.61 13.56
CA LYS A 166 -0.41 -25.99 14.16
C LYS A 166 -0.40 -25.88 15.69
N HIS A 167 -0.93 -24.78 16.25
CA HIS A 167 -0.83 -24.52 17.71
C HIS A 167 -2.10 -24.82 18.53
N GLY A 168 -3.27 -24.98 17.88
CA GLY A 168 -4.51 -25.36 18.58
C GLY A 168 -5.32 -24.25 19.25
N SER A 169 -4.95 -22.98 19.06
CA SER A 169 -5.67 -21.82 19.67
C SER A 169 -5.71 -20.66 18.67
N CYS A 170 -6.62 -19.68 18.89
CA CYS A 170 -6.67 -18.48 18.01
C CYS A 170 -5.50 -17.53 18.38
N LEU A 171 -4.62 -17.25 17.37
CA LEU A 171 -3.44 -16.37 17.57
C LEU A 171 -3.90 -14.97 18.01
N HIS A 172 -4.99 -14.49 17.42
CA HIS A 172 -5.51 -13.13 17.78
C HIS A 172 -5.90 -13.11 19.27
N CYS A 173 -6.53 -14.19 19.73
CA CYS A 173 -6.95 -14.27 21.16
C CYS A 173 -5.67 -14.12 22.04
N ARG A 174 -4.61 -14.82 21.64
CA ARG A 174 -3.33 -14.85 22.40
C ARG A 174 -2.74 -13.43 22.44
N ILE A 175 -2.73 -12.76 21.30
CA ILE A 175 -2.19 -11.37 21.21
C ILE A 175 -3.01 -10.41 22.10
N VAL A 176 -4.35 -10.51 21.99
CA VAL A 176 -5.24 -9.58 22.75
C VAL A 176 -5.00 -9.80 24.25
N GLU A 177 -4.84 -11.04 24.70
CA GLU A 177 -4.68 -11.34 26.15
C GLU A 177 -3.37 -10.71 26.63
N LYS A 178 -2.29 -10.85 25.86
CA LYS A 178 -0.92 -10.36 26.20
C LYS A 178 -0.78 -8.83 26.22
N GLU A 179 -1.49 -8.11 25.34
CA GLU A 179 -1.24 -6.65 25.22
C GLU A 179 -1.46 -5.92 26.54
N GLU A 180 -0.42 -5.23 26.99
CA GLU A 180 -0.45 -4.37 28.22
C GLU A 180 0.35 -3.09 27.97
N LYS A 181 1.63 -3.25 27.61
CA LYS A 181 2.58 -2.12 27.40
C LYS A 181 2.10 -1.18 26.30
N ARG A 182 1.55 -1.74 25.22
CA ARG A 182 1.08 -0.90 24.07
C ARG A 182 -0.43 -0.68 24.15
N LEU A 183 -1.09 -1.04 25.25
CA LEU A 183 -2.55 -0.85 25.30
C LEU A 183 -2.78 0.66 25.38
N VAL A 184 -3.69 1.22 24.60
CA VAL A 184 -4.01 2.68 24.73
C VAL A 184 -5.37 2.86 25.39
N PHE A 185 -6.28 1.89 25.28
CA PHE A 185 -7.64 1.99 25.85
C PHE A 185 -8.25 0.60 25.95
N GLN A 186 -9.07 0.39 26.98
CA GLN A 186 -9.90 -0.83 27.01
C GLN A 186 -11.16 -0.51 27.77
N ASN A 187 -12.19 -1.26 27.41
CA ASN A 187 -13.48 -1.26 28.13
C ASN A 187 -13.85 -2.72 28.44
N ARG A 188 -15.09 -2.96 28.83
CA ARG A 188 -15.43 -4.35 29.20
C ARG A 188 -15.35 -5.26 28.00
N ASN A 189 -15.47 -4.75 26.76
CA ASN A 189 -15.66 -5.65 25.59
C ASN A 189 -14.54 -5.49 24.56
N TRP A 190 -13.70 -4.46 24.67
CA TRP A 190 -12.72 -4.10 23.60
C TRP A 190 -11.37 -3.70 24.20
N LYS A 191 -10.30 -4.07 23.48
CA LYS A 191 -8.94 -3.59 23.75
C LYS A 191 -8.45 -2.89 22.47
N ALA A 192 -7.90 -1.70 22.64
CA ALA A 192 -7.23 -0.93 21.58
C ALA A 192 -5.74 -0.80 21.94
N PHE A 193 -4.85 -1.23 21.07
CA PHE A 193 -3.41 -1.30 21.34
C PHE A 193 -2.66 -0.97 20.06
N VAL A 194 -1.44 -0.49 20.21
CA VAL A 194 -0.51 -0.39 19.07
C VAL A 194 0.07 -1.79 18.89
N PRO A 195 -0.10 -2.45 17.74
CA PRO A 195 0.51 -3.77 17.60
C PRO A 195 2.04 -3.73 17.58
N PHE A 196 2.68 -4.80 18.03
CA PHE A 196 4.15 -4.97 17.94
C PHE A 196 4.63 -4.74 16.51
N TYR A 197 3.81 -5.17 15.57
CA TYR A 197 4.08 -5.19 14.10
C TYR A 197 3.36 -4.01 13.43
N ALA A 198 3.15 -2.89 14.15
CA ALA A 198 2.68 -1.62 13.54
C ALA A 198 3.59 -1.24 12.35
N LYS A 199 2.97 -0.71 11.29
CA LYS A 199 3.64 -0.28 10.04
C LYS A 199 3.45 1.21 9.76
N TRP A 200 2.38 1.77 10.27
CA TRP A 200 2.00 3.18 10.00
C TRP A 200 2.32 4.04 11.23
N PRO A 201 2.49 5.36 11.06
CA PRO A 201 3.10 6.23 12.08
C PRO A 201 2.28 6.27 13.38
N HIS A 202 0.94 6.19 13.29
CA HIS A 202 0.08 6.01 14.49
C HIS A 202 -0.91 4.90 14.26
N GLU A 203 -0.57 3.67 14.61
CA GLU A 203 -1.42 2.52 14.21
C GLU A 203 -2.02 1.90 15.47
N VAL A 204 -3.33 1.80 15.48
CA VAL A 204 -4.07 1.22 16.63
C VAL A 204 -5.00 0.14 16.09
N HIS A 205 -4.96 -1.05 16.68
CA HIS A 205 -5.91 -2.15 16.37
C HIS A 205 -6.91 -2.27 17.51
N ILE A 206 -8.18 -2.44 17.17
CA ILE A 206 -9.27 -2.52 18.17
C ILE A 206 -9.86 -3.92 18.02
N TYR A 207 -9.73 -4.71 19.08
CA TYR A 207 -10.20 -6.11 19.07
C TYR A 207 -11.24 -6.35 20.14
N PRO A 208 -12.22 -7.22 19.86
CA PRO A 208 -13.14 -7.64 20.91
C PRO A 208 -12.40 -8.63 21.83
N LYS A 209 -12.71 -8.54 23.13
CA LYS A 209 -12.08 -9.41 24.13
C LYS A 209 -12.64 -10.84 23.97
N ARG A 210 -13.91 -10.96 23.59
CA ARG A 210 -14.51 -12.26 23.24
C ARG A 210 -14.14 -12.57 21.80
N HIS A 211 -13.85 -13.84 21.52
CA HIS A 211 -13.57 -14.27 20.11
C HIS A 211 -14.85 -14.05 19.31
N ARG A 212 -14.80 -13.08 18.39
CA ARG A 212 -15.86 -12.86 17.38
C ARG A 212 -15.15 -12.76 16.04
N SER A 213 -15.73 -13.31 14.99
CA SER A 213 -15.13 -13.20 13.63
C SER A 213 -15.99 -12.43 12.64
N LEU A 214 -17.28 -12.24 12.88
CA LEU A 214 -18.16 -11.43 12.02
C LEU A 214 -18.74 -10.30 12.86
N LEU A 215 -18.86 -9.12 12.24
CA LEU A 215 -19.51 -7.95 12.87
C LEU A 215 -20.91 -8.34 13.35
N THR A 216 -21.57 -9.24 12.62
CA THR A 216 -22.97 -9.63 12.90
C THR A 216 -23.07 -10.54 14.13
N GLU A 217 -21.96 -11.02 14.67
CA GLU A 217 -21.97 -11.79 15.92
C GLU A 217 -22.03 -10.87 17.11
N LEU A 218 -21.81 -9.57 16.94
CA LEU A 218 -21.64 -8.69 18.13
C LEU A 218 -22.98 -8.44 18.82
N THR A 219 -23.01 -8.55 20.15
CA THR A 219 -24.21 -8.22 20.93
C THR A 219 -24.43 -6.72 20.98
N ASP A 220 -25.61 -6.30 21.43
CA ASP A 220 -25.90 -4.85 21.50
C ASP A 220 -24.91 -4.17 22.45
N GLU A 221 -24.60 -4.83 23.55
CA GLU A 221 -23.64 -4.29 24.54
C GLU A 221 -22.25 -4.14 23.88
N GLU A 222 -21.82 -5.19 23.17
CA GLU A 222 -20.52 -5.14 22.47
C GLU A 222 -20.52 -3.98 21.49
N VAL A 223 -21.62 -3.75 20.79
CA VAL A 223 -21.65 -2.64 19.81
C VAL A 223 -21.56 -1.29 20.53
N ALA A 224 -22.25 -1.10 21.65
CA ALA A 224 -22.15 0.13 22.45
C ALA A 224 -20.70 0.32 22.89
N ASP A 225 -20.03 -0.74 23.32
CA ASP A 225 -18.63 -0.62 23.81
C ASP A 225 -17.70 -0.35 22.61
N LEU A 226 -18.01 -0.91 21.45
CA LEU A 226 -17.28 -0.62 20.17
C LEU A 226 -17.39 0.87 19.86
N ALA A 227 -18.60 1.43 19.87
CA ALA A 227 -18.76 2.87 19.60
C ALA A 227 -17.84 3.67 20.53
N GLU A 228 -17.74 3.28 21.80
CA GLU A 228 -16.89 4.02 22.78
C GLU A 228 -15.41 3.87 22.38
N ALA A 229 -14.98 2.65 22.06
CA ALA A 229 -13.56 2.41 21.74
C ALA A 229 -13.19 3.20 20.49
N LEU A 230 -14.05 3.22 19.48
CA LEU A 230 -13.81 4.00 18.25
C LEU A 230 -13.77 5.49 18.58
N LYS A 231 -14.75 6.00 19.32
CA LYS A 231 -14.80 7.42 19.64
C LYS A 231 -13.53 7.82 20.37
N ILE A 232 -13.19 7.09 21.43
CA ILE A 232 -12.06 7.52 22.32
C ILE A 232 -10.74 7.39 21.55
N THR A 233 -10.54 6.32 20.77
CA THR A 233 -9.26 6.08 20.04
C THR A 233 -9.10 7.19 18.98
N LEU A 234 -10.16 7.50 18.25
CA LEU A 234 -10.04 8.50 17.16
C LEU A 234 -9.89 9.89 17.79
N CYS A 235 -10.52 10.14 18.94
CA CYS A 235 -10.35 11.40 19.68
C CYS A 235 -8.86 11.58 20.03
N ALA A 236 -8.21 10.52 20.49
CA ALA A 236 -6.79 10.59 20.87
C ALA A 236 -5.94 10.94 19.63
N LEU A 237 -6.25 10.37 18.48
CA LEU A 237 -5.45 10.58 17.25
C LEU A 237 -5.62 12.03 16.85
N LYS A 238 -6.81 12.60 17.08
CA LYS A 238 -7.16 13.97 16.63
C LYS A 238 -6.24 14.96 17.31
N GLN A 239 -5.77 14.66 18.53
CA GLN A 239 -4.91 15.64 19.25
C GLN A 239 -3.47 15.14 19.52
N VAL A 240 -3.18 13.85 19.37
CA VAL A 240 -1.80 13.38 19.75
C VAL A 240 -0.77 14.23 19.01
N ALA A 241 -1.06 14.73 17.82
CA ALA A 241 -0.09 15.56 17.06
C ALA A 241 -0.43 17.08 17.16
N GLY A 242 -1.47 17.52 17.84
CA GLY A 242 -1.72 18.98 17.99
C GLY A 242 -2.77 19.49 17.02
N ILE A 243 -2.94 18.85 15.84
CA ILE A 243 -3.99 19.17 14.84
C ILE A 243 -4.65 17.85 14.43
N PRO A 244 -5.90 17.85 13.92
CA PRO A 244 -6.50 16.60 13.44
C PRO A 244 -5.57 15.91 12.45
N MET A 245 -5.54 14.59 12.55
CA MET A 245 -4.68 13.70 11.76
C MET A 245 -5.54 12.97 10.72
N PRO A 246 -5.11 12.96 9.45
CA PRO A 246 -5.77 12.09 8.48
C PRO A 246 -5.53 10.65 8.91
N TYR A 247 -6.52 9.81 8.63
CA TYR A 247 -6.37 8.37 8.97
C TYR A 247 -7.22 7.52 8.03
N ILE A 248 -6.89 6.24 8.10
CA ILE A 248 -7.57 5.14 7.39
C ILE A 248 -8.06 4.20 8.47
N MET A 249 -9.29 3.75 8.33
CA MET A 249 -9.82 2.67 9.21
C MET A 249 -10.41 1.55 8.35
N VAL A 250 -10.09 0.30 8.69
CA VAL A 250 -10.60 -0.87 7.96
C VAL A 250 -11.00 -1.92 8.98
N LEU A 251 -12.08 -2.59 8.68
CA LEU A 251 -12.57 -3.76 9.45
C LEU A 251 -12.05 -5.04 8.81
N HIS A 252 -11.22 -5.77 9.51
CA HIS A 252 -10.72 -7.11 9.11
C HIS A 252 -11.63 -8.12 9.82
N GLN A 253 -12.46 -8.81 9.03
CA GLN A 253 -13.33 -9.86 9.60
C GLN A 253 -13.27 -11.09 8.71
N ALA A 254 -13.90 -12.14 9.14
CA ALA A 254 -14.07 -13.34 8.32
C ALA A 254 -14.80 -13.04 7.02
N PRO A 255 -14.55 -13.88 6.01
CA PRO A 255 -15.41 -13.88 4.85
C PRO A 255 -16.85 -14.22 5.24
N LEU A 256 -17.79 -13.86 4.37
CA LEU A 256 -19.20 -14.26 4.53
C LEU A 256 -19.31 -15.73 4.13
N PRO A 257 -20.28 -16.47 4.68
CA PRO A 257 -21.25 -15.96 5.66
C PRO A 257 -21.06 -16.54 7.07
N ARG A 258 -19.97 -17.27 7.33
CA ARG A 258 -19.91 -18.10 8.58
C ARG A 258 -18.75 -17.73 9.49
N PRO A 259 -19.05 -17.65 10.80
CA PRO A 259 -18.03 -17.50 11.80
C PRO A 259 -16.86 -18.49 11.62
N THR A 260 -15.68 -18.04 12.01
CA THR A 260 -14.43 -18.83 12.00
C THR A 260 -13.84 -18.94 13.41
N GLN A 261 -13.40 -20.13 13.80
CA GLN A 261 -12.71 -20.38 15.08
C GLN A 261 -11.30 -19.75 15.05
N TYR A 262 -10.69 -19.59 13.87
CA TYR A 262 -9.23 -19.34 13.72
C TYR A 262 -8.95 -17.88 13.38
N TYR A 263 -10.00 -17.16 13.01
CA TYR A 263 -9.86 -15.71 12.73
C TYR A 263 -10.78 -14.91 13.64
N HIS A 264 -10.26 -13.73 13.99
CA HIS A 264 -10.85 -12.80 14.99
C HIS A 264 -10.96 -11.41 14.36
N LEU A 265 -12.20 -10.81 14.49
CA LEU A 265 -12.36 -9.56 13.72
C LEU A 265 -11.59 -8.46 14.44
N HIS A 266 -11.20 -7.41 13.82
CA HIS A 266 -10.51 -6.25 14.46
C HIS A 266 -10.64 -5.07 13.52
N PHE A 267 -10.68 -3.86 14.07
CA PHE A 267 -10.52 -2.62 13.31
C PHE A 267 -9.03 -2.25 13.29
N GLU A 268 -8.50 -1.93 12.10
CA GLU A 268 -7.14 -1.35 12.01
C GLU A 268 -7.33 0.13 11.70
N ILE A 269 -6.63 0.99 12.45
CA ILE A 269 -6.61 2.43 12.18
C ILE A 269 -5.16 2.84 11.90
N TYR A 270 -4.95 3.50 10.77
CA TYR A 270 -3.63 4.01 10.31
C TYR A 270 -3.71 5.52 10.37
N GLY A 271 -3.20 6.12 11.45
CA GLY A 271 -3.01 7.58 11.51
C GLY A 271 -1.78 7.96 10.74
N MET A 272 -1.93 8.93 9.83
CA MET A 272 -0.92 9.07 8.75
C MET A 272 0.02 10.25 9.01
N TYR A 273 0.00 10.87 10.19
CA TYR A 273 1.04 11.87 10.57
C TYR A 273 2.14 11.16 11.37
N ARG A 274 3.42 11.57 11.08
CA ARG A 274 4.54 11.13 11.97
C ARG A 274 4.33 11.85 13.32
N PRO A 275 5.01 11.57 14.41
CA PRO A 275 4.96 12.32 15.67
C PRO A 275 5.29 13.82 15.50
N ASP A 276 6.10 14.15 14.48
CA ASP A 276 6.46 15.56 14.15
C ASP A 276 5.39 16.25 13.29
N GLY A 277 4.19 15.68 13.08
CA GLY A 277 3.11 16.30 12.29
C GLY A 277 3.31 16.20 10.74
N LYS A 278 4.40 15.56 10.32
CA LYS A 278 4.75 15.30 8.89
C LYS A 278 3.85 14.21 8.30
N LEU A 279 3.17 14.51 7.18
CA LEU A 279 2.31 13.50 6.53
C LEU A 279 3.19 12.36 6.00
N LYS A 280 2.73 11.12 6.16
CA LYS A 280 3.47 9.93 5.67
C LYS A 280 2.78 9.46 4.38
N HIS A 281 3.56 9.19 3.33
CA HIS A 281 2.99 8.73 2.04
C HIS A 281 3.46 7.31 1.74
N ALA A 282 2.55 6.42 1.33
CA ALA A 282 3.01 5.08 0.93
C ALA A 282 3.74 5.29 -0.39
N ALA A 283 5.00 4.87 -0.49
CA ALA A 283 5.76 5.13 -1.74
C ALA A 283 6.50 3.87 -2.23
N GLY A 284 7.77 4.02 -2.63
CA GLY A 284 8.51 2.90 -3.22
C GLY A 284 8.68 1.71 -2.29
N ALA A 285 9.03 1.93 -1.02
CA ALA A 285 9.19 0.77 -0.10
C ALA A 285 7.85 0.08 0.10
N GLU A 286 6.81 0.85 0.47
CA GLU A 286 5.51 0.33 0.85
C GLU A 286 4.82 -0.26 -0.37
N LEU A 287 4.62 0.53 -1.43
CA LEU A 287 3.80 0.05 -2.59
C LEU A 287 4.64 -0.87 -3.48
N GLY A 288 5.93 -0.58 -3.63
CA GLY A 288 6.85 -1.29 -4.54
C GLY A 288 7.39 -2.55 -3.90
N ALA A 289 7.49 -2.62 -2.58
CA ALA A 289 8.19 -3.77 -1.96
C ALA A 289 7.39 -4.42 -0.83
N SER A 290 6.29 -3.80 -0.38
CA SER A 290 5.56 -4.17 0.87
C SER A 290 6.54 -4.15 2.04
N LEU A 291 7.50 -3.20 2.04
CA LEU A 291 8.41 -2.94 3.18
C LEU A 291 7.94 -1.66 3.86
N PHE A 292 7.94 -1.64 5.18
CA PHE A 292 7.50 -0.49 5.95
C PHE A 292 8.64 -0.05 6.91
N THR A 293 8.64 1.27 7.20
CA THR A 293 9.65 1.93 8.06
C THR A 293 8.93 2.72 9.15
N LEU A 294 9.51 2.68 10.34
CA LEU A 294 9.07 3.52 11.47
C LEU A 294 10.27 4.26 12.03
N ASP A 295 10.06 5.54 12.34
CA ASP A 295 11.14 6.38 12.90
C ASP A 295 10.93 6.48 14.41
N THR A 296 9.93 5.78 14.92
CA THR A 296 9.57 5.80 16.35
C THR A 296 9.14 4.39 16.76
N THR A 297 9.54 3.91 17.94
CA THR A 297 9.09 2.54 18.28
C THR A 297 7.58 2.52 18.47
N PRO A 298 6.91 1.39 18.14
CA PRO A 298 5.51 1.18 18.52
C PRO A 298 5.26 1.42 20.01
N GLU A 299 6.21 1.06 20.86
CA GLU A 299 6.09 1.21 22.33
C GLU A 299 6.05 2.69 22.71
N GLU A 300 6.92 3.50 22.13
CA GLU A 300 6.89 4.97 22.40
C GLU A 300 5.59 5.54 21.81
N THR A 301 5.19 5.13 20.62
CA THR A 301 3.95 5.66 19.98
C THR A 301 2.72 5.29 20.85
N ALA A 302 2.61 4.05 21.32
CA ALA A 302 1.53 3.69 22.27
C ALA A 302 1.52 4.64 23.48
N ALA A 303 2.67 4.93 24.08
CA ALA A 303 2.73 5.76 25.30
C ALA A 303 2.18 7.15 24.98
N ARG A 304 2.56 7.70 23.82
CA ARG A 304 2.12 9.06 23.40
C ARG A 304 0.63 9.10 23.11
N ILE A 305 0.12 8.07 22.41
CA ILE A 305 -1.33 7.99 22.11
C ILE A 305 -2.08 7.88 23.44
N LYS A 306 -1.63 7.00 24.31
CA LYS A 306 -2.31 6.77 25.61
C LYS A 306 -2.36 8.08 26.40
N ALA A 307 -1.28 8.85 26.44
CA ALA A 307 -1.22 10.11 27.22
C ALA A 307 -2.28 11.05 26.62
N ALA A 308 -2.32 11.17 25.29
CA ALA A 308 -3.27 12.08 24.60
C ALA A 308 -4.70 11.64 24.89
N LEU A 309 -4.90 10.32 24.92
CA LEU A 309 -6.21 9.67 25.04
C LEU A 309 -6.82 9.97 26.39
N GLN A 310 -6.01 10.23 27.41
CA GLN A 310 -6.49 10.55 28.79
C GLN A 310 -7.41 11.77 28.72
N LYS A 311 -7.16 12.70 27.80
CA LYS A 311 -7.95 13.94 27.70
C LYS A 311 -9.31 13.65 27.03
N CYS A 312 -9.52 12.47 26.42
CA CYS A 312 -10.80 12.07 25.77
C CYS A 312 -11.72 11.29 26.72
N LEU A 313 -11.20 10.89 27.89
CA LEU A 313 -11.98 10.04 28.85
C LEU A 313 -12.92 10.91 29.67
N LYS A 314 -14.09 10.34 30.01
CA LYS A 314 -15.17 11.04 30.70
C LYS A 314 -15.19 10.56 32.14
N HIS A 315 -14.74 9.33 32.41
CA HIS A 315 -14.91 8.82 33.79
C HIS A 315 -13.87 7.74 34.17
N SER A 316 -12.81 7.50 33.40
CA SER A 316 -11.99 6.27 33.63
C SER A 316 -10.48 6.51 33.78
N MET B 1 16.28 -0.67 17.53
CA MET B 1 16.32 -0.80 16.08
C MET B 1 16.35 -2.30 15.74
N GLU B 2 15.38 -2.70 14.91
CA GLU B 2 15.29 -4.10 14.44
C GLU B 2 14.28 -4.21 13.29
N ILE B 3 14.36 -5.31 12.57
CA ILE B 3 13.29 -5.68 11.59
C ILE B 3 12.26 -6.56 12.30
N ARG B 4 11.03 -6.06 12.41
CA ARG B 4 9.90 -6.78 13.03
C ARG B 4 9.10 -7.46 11.92
N LYS B 5 8.37 -8.51 12.25
CA LYS B 5 7.66 -9.28 11.21
C LYS B 5 6.20 -9.37 11.66
N ASP B 6 5.28 -9.00 10.77
CA ASP B 6 3.82 -9.16 11.00
C ASP B 6 3.50 -10.64 10.91
N PRO B 7 2.91 -11.21 11.95
CA PRO B 7 2.70 -12.65 12.01
C PRO B 7 1.52 -13.08 11.10
N PHE B 8 0.72 -12.14 10.65
CA PHE B 8 -0.50 -12.43 9.84
C PHE B 8 -0.19 -12.26 8.34
N THR B 9 0.81 -11.44 7.97
CA THR B 9 1.08 -11.14 6.55
C THR B 9 2.49 -11.55 6.14
N GLY B 10 3.41 -11.67 7.08
CA GLY B 10 4.85 -11.84 6.77
C GLY B 10 5.53 -10.57 6.40
N GLU B 11 4.82 -9.44 6.50
CA GLU B 11 5.43 -8.13 6.13
C GLU B 11 6.49 -7.77 7.16
N TYR B 12 7.53 -7.06 6.71
CA TYR B 12 8.65 -6.65 7.60
C TYR B 12 8.58 -5.14 7.84
N ILE B 13 8.80 -4.74 9.09
CA ILE B 13 8.80 -3.29 9.42
C ILE B 13 10.23 -2.94 9.84
N LEU B 14 10.86 -1.98 9.16
CA LEU B 14 12.23 -1.58 9.57
C LEU B 14 12.03 -0.51 10.63
N VAL B 15 12.15 -0.91 11.89
CA VAL B 15 11.92 0.00 13.04
C VAL B 15 13.27 0.63 13.35
N SER B 16 13.41 1.93 13.13
CA SER B 16 14.73 2.60 13.20
C SER B 16 14.56 3.94 13.88
N PRO B 17 14.49 3.97 15.23
CA PRO B 17 14.21 5.17 16.03
C PRO B 17 15.30 6.25 16.26
N CYS B 30 21.48 22.25 1.08
CA CYS B 30 21.28 20.91 0.43
C CYS B 30 22.45 19.99 0.78
N PRO B 31 22.20 18.79 1.33
CA PRO B 31 23.29 17.88 1.66
C PRO B 31 23.97 17.23 0.44
N PHE B 32 23.26 17.09 -0.69
CA PHE B 32 23.69 16.34 -1.92
C PHE B 32 24.34 17.25 -2.99
N CYS B 33 24.51 18.56 -2.77
CA CYS B 33 25.22 19.47 -3.72
C CYS B 33 26.75 19.28 -3.65
N PRO B 34 27.50 19.50 -4.75
CA PRO B 34 28.96 19.63 -4.64
C PRO B 34 29.33 20.62 -3.51
N GLY B 35 30.43 20.36 -2.80
CA GLY B 35 30.99 21.26 -1.75
C GLY B 35 30.47 20.93 -0.35
N ALA B 36 29.21 20.51 -0.21
CA ALA B 36 28.63 20.05 1.08
C ALA B 36 29.60 19.04 1.70
N PRO B 37 29.46 18.79 3.00
CA PRO B 37 30.40 17.91 3.71
C PRO B 37 30.50 16.44 3.28
N GLU B 38 29.37 15.80 2.96
CA GLU B 38 29.38 14.35 2.58
C GLU B 38 29.60 14.15 1.07
N THR B 39 29.61 15.21 0.27
CA THR B 39 29.72 15.04 -1.21
C THR B 39 31.11 15.32 -1.80
N GLY B 40 31.77 16.41 -1.42
CA GLY B 40 33.05 16.77 -2.08
C GLY B 40 32.78 17.34 -3.48
N ARG B 41 33.77 17.34 -4.37
CA ARG B 41 33.55 17.89 -5.74
C ARG B 41 34.27 17.04 -6.80
N GLY B 42 33.89 17.21 -8.07
CA GLY B 42 34.49 16.52 -9.22
C GLY B 42 33.79 15.21 -9.58
N TRP B 43 32.57 14.97 -9.11
CA TRP B 43 31.88 13.68 -9.29
C TRP B 43 30.70 13.87 -10.26
N ASP B 44 30.29 12.75 -10.93
CA ASP B 44 29.04 12.74 -11.73
C ASP B 44 27.93 12.05 -10.91
N VAL B 45 28.23 10.92 -10.25
CA VAL B 45 27.23 10.10 -9.49
C VAL B 45 27.91 9.72 -8.16
N LEU B 46 27.23 9.87 -7.04
CA LEU B 46 27.78 9.47 -5.73
C LEU B 46 26.84 8.47 -5.13
N ILE B 47 27.37 7.42 -4.51
CA ILE B 47 26.49 6.50 -3.74
C ILE B 47 26.99 6.65 -2.30
N LEU B 48 26.17 7.21 -1.42
CA LEU B 48 26.63 7.48 -0.04
C LEU B 48 25.62 6.96 0.99
N PRO B 49 26.07 6.75 2.21
CA PRO B 49 25.21 6.23 3.24
C PRO B 49 24.09 7.21 3.55
N ASN B 50 22.90 6.71 3.79
CA ASN B 50 21.77 7.54 4.21
C ASN B 50 22.10 8.05 5.62
N ARG B 51 21.81 9.32 5.90
CA ARG B 51 22.03 9.98 7.21
C ARG B 51 21.14 9.34 8.27
N TYR B 52 19.99 8.75 7.90
CA TYR B 52 19.02 8.10 8.82
C TYR B 52 18.80 6.67 8.34
N PRO B 53 19.78 5.75 8.52
CA PRO B 53 19.67 4.46 7.86
C PRO B 53 18.64 3.57 8.59
N VAL B 54 17.81 2.92 7.80
CA VAL B 54 16.79 1.94 8.28
C VAL B 54 17.43 0.55 8.48
N VAL B 55 18.59 0.30 7.88
CA VAL B 55 19.44 -0.90 8.11
C VAL B 55 20.85 -0.38 8.12
N THR B 56 21.73 -1.03 8.89
CA THR B 56 23.12 -0.56 9.06
C THR B 56 24.09 -1.74 9.17
N GLU B 57 25.37 -1.49 8.94
CA GLU B 57 26.40 -2.54 9.02
C GLU B 57 26.53 -3.04 10.47
N ASN B 58 26.19 -2.18 11.44
CA ASN B 58 26.39 -2.52 12.86
C ASN B 58 25.09 -2.24 13.59
N PRO B 59 24.04 -3.08 13.36
CA PRO B 59 22.77 -2.91 14.05
C PRO B 59 22.96 -3.33 15.51
N PRO B 60 22.19 -2.74 16.44
CA PRO B 60 22.18 -3.19 17.84
C PRO B 60 21.41 -4.51 17.98
N GLU B 61 21.43 -5.09 19.20
CA GLU B 61 20.63 -6.28 19.57
C GLU B 61 19.15 -5.90 19.39
N PRO B 62 18.39 -6.71 18.61
CA PRO B 62 16.99 -6.37 18.38
C PRO B 62 16.14 -6.46 19.63
N THR B 63 15.11 -5.60 19.67
CA THR B 63 13.98 -5.67 20.66
C THR B 63 13.20 -6.98 20.40
N ALA B 64 13.26 -7.92 21.33
CA ALA B 64 12.53 -9.21 21.32
C ALA B 64 11.23 -9.13 22.14
N GLU B 65 10.21 -9.83 21.67
CA GLU B 65 8.90 -10.06 22.34
C GLU B 65 8.53 -11.53 22.05
N ASP B 66 7.96 -12.25 23.02
CA ASP B 66 7.81 -13.73 22.90
C ASP B 66 6.99 -14.21 21.68
N LEU B 67 5.87 -13.58 21.34
CA LEU B 67 5.03 -14.10 20.22
C LEU B 67 5.55 -13.66 18.85
N TYR B 68 6.60 -12.84 18.78
CA TYR B 68 6.99 -12.24 17.47
C TYR B 68 8.42 -12.53 17.02
N GLU B 69 8.58 -12.57 15.69
CA GLU B 69 9.89 -12.77 15.04
C GLU B 69 10.53 -11.40 14.80
N VAL B 70 11.77 -11.25 15.28
CA VAL B 70 12.58 -10.01 15.12
C VAL B 70 13.94 -10.42 14.52
N ILE B 71 14.45 -9.57 13.63
CA ILE B 71 15.73 -9.81 12.89
C ILE B 71 16.64 -8.59 13.09
N PRO B 72 17.95 -8.79 13.18
CA PRO B 72 18.85 -7.63 13.29
C PRO B 72 18.71 -6.78 12.02
N ALA B 73 18.68 -5.46 12.18
CA ALA B 73 18.50 -4.51 11.07
C ALA B 73 19.85 -4.36 10.32
N ARG B 74 20.39 -5.49 9.86
CA ARG B 74 21.73 -5.52 9.23
C ARG B 74 21.64 -5.35 7.71
N GLY B 75 22.35 -4.36 7.19
CA GLY B 75 22.40 -4.08 5.75
C GLY B 75 22.92 -2.69 5.52
N SER B 76 22.53 -2.09 4.41
CA SER B 76 23.02 -0.77 3.98
C SER B 76 21.84 0.02 3.47
N SER B 77 21.75 1.27 3.87
CA SER B 77 20.79 2.25 3.29
C SER B 77 21.59 3.34 2.58
N LEU B 78 21.50 3.37 1.25
CA LEU B 78 22.31 4.24 0.39
C LEU B 78 21.44 5.25 -0.36
N VAL B 79 22.01 6.41 -0.60
CA VAL B 79 21.43 7.45 -1.47
C VAL B 79 22.27 7.49 -2.75
N VAL B 80 21.61 7.35 -3.88
CA VAL B 80 22.23 7.51 -5.21
C VAL B 80 22.01 8.95 -5.64
N VAL B 81 23.04 9.77 -5.47
CA VAL B 81 23.00 11.18 -5.94
C VAL B 81 23.27 11.14 -7.45
N GLU B 82 22.18 11.28 -8.22
CA GLU B 82 22.13 11.13 -9.70
C GLU B 82 22.96 12.18 -10.46
N THR B 83 22.96 13.43 -10.00
CA THR B 83 23.72 14.48 -10.71
C THR B 83 24.21 15.54 -9.71
N PRO B 84 25.33 16.19 -10.01
CA PRO B 84 25.85 17.27 -9.16
C PRO B 84 24.92 18.49 -9.29
N GLN B 85 24.16 18.54 -10.39
CA GLN B 85 23.24 19.68 -10.71
C GLN B 85 22.01 19.62 -9.79
N HIS B 86 21.73 20.71 -9.09
CA HIS B 86 20.63 20.76 -8.09
C HIS B 86 19.27 20.89 -8.80
N ASP B 87 19.21 21.69 -9.87
CA ASP B 87 17.93 22.19 -10.45
C ASP B 87 17.46 21.29 -11.61
N VAL B 88 17.93 20.05 -11.69
CA VAL B 88 17.37 19.03 -12.63
C VAL B 88 16.05 18.53 -12.02
N ASP B 89 15.00 18.42 -12.84
CA ASP B 89 13.65 18.08 -12.31
C ASP B 89 13.46 16.56 -12.22
N ASP B 90 13.88 15.83 -13.24
CA ASP B 90 13.60 14.37 -13.28
C ASP B 90 14.80 13.63 -13.87
N LEU B 91 14.97 12.36 -13.49
CA LEU B 91 15.89 11.43 -14.18
C LEU B 91 15.80 11.57 -15.73
N SER B 92 14.58 11.72 -16.25
CA SER B 92 14.35 11.79 -17.72
C SER B 92 15.03 13.02 -18.34
N ASP B 93 15.21 14.09 -17.58
CA ASP B 93 15.87 15.34 -18.04
C ASP B 93 17.36 15.12 -18.34
N LEU B 94 18.01 14.19 -17.65
CA LEU B 94 19.47 13.94 -17.79
C LEU B 94 19.81 13.33 -19.17
N PRO B 95 21.03 13.59 -19.66
CA PRO B 95 21.45 12.97 -20.91
C PRO B 95 21.63 11.45 -20.77
N LEU B 96 21.56 10.73 -21.88
CA LEU B 96 21.64 9.25 -21.81
C LEU B 96 22.92 8.83 -21.13
N GLY B 97 24.02 9.51 -21.44
CA GLY B 97 25.33 9.16 -20.86
C GLY B 97 25.28 9.18 -19.32
N GLN B 98 24.62 10.20 -18.76
CA GLN B 98 24.51 10.38 -17.27
C GLN B 98 23.60 9.31 -16.71
N ILE B 99 22.52 8.98 -17.42
CA ILE B 99 21.59 7.89 -16.94
C ILE B 99 22.39 6.56 -16.96
N LYS B 100 23.19 6.33 -17.98
CA LYS B 100 24.02 5.11 -18.03
C LYS B 100 24.96 5.09 -16.83
N LYS B 101 25.55 6.22 -16.46
CA LYS B 101 26.50 6.28 -15.30
C LYS B 101 25.74 5.91 -14.01
N ILE B 102 24.50 6.36 -13.89
CA ILE B 102 23.68 6.08 -12.69
C ILE B 102 23.45 4.58 -12.65
N LEU B 103 22.97 3.99 -13.74
CA LEU B 103 22.63 2.54 -13.74
C LEU B 103 23.91 1.74 -13.49
N THR B 104 25.05 2.19 -14.05
CA THR B 104 26.33 1.44 -13.96
C THR B 104 26.79 1.44 -12.50
N ALA B 105 26.69 2.60 -11.84
CA ALA B 105 27.05 2.81 -10.41
C ALA B 105 26.18 1.93 -9.52
N VAL B 106 24.89 1.85 -9.84
CA VAL B 106 23.99 1.02 -9.03
C VAL B 106 24.37 -0.45 -9.22
N ALA B 107 24.65 -0.89 -10.44
CA ALA B 107 25.03 -2.30 -10.65
C ALA B 107 26.37 -2.62 -9.95
N GLU B 108 27.32 -1.68 -9.91
CA GLU B 108 28.64 -1.88 -9.26
C GLU B 108 28.42 -2.02 -7.76
N ALA B 109 27.48 -1.25 -7.20
CA ALA B 109 27.12 -1.37 -5.76
C ALA B 109 26.50 -2.76 -5.52
N GLN B 110 25.71 -3.25 -6.46
CA GLN B 110 25.13 -4.63 -6.29
C GLN B 110 26.23 -5.67 -6.43
N ARG B 111 27.19 -5.47 -7.33
CA ARG B 111 28.27 -6.50 -7.49
C ARG B 111 29.02 -6.66 -6.17
N LYS B 112 29.30 -5.54 -5.50
CA LYS B 112 29.97 -5.56 -4.18
C LYS B 112 29.09 -6.34 -3.17
N ALA B 113 27.80 -6.01 -3.09
CA ALA B 113 26.88 -6.68 -2.13
C ALA B 113 26.84 -8.19 -2.44
N GLU B 114 26.86 -8.58 -3.73
CA GLU B 114 26.93 -10.02 -4.13
C GLU B 114 28.23 -10.63 -3.61
N LYS B 115 29.37 -10.04 -3.90
CA LYS B 115 30.69 -10.63 -3.56
C LYS B 115 30.88 -10.70 -2.05
N GLU B 116 30.45 -9.69 -1.29
CA GLU B 116 30.53 -9.69 0.20
C GLU B 116 29.69 -10.84 0.79
N GLY B 117 28.55 -11.15 0.18
CA GLY B 117 27.80 -12.40 0.46
C GLY B 117 27.06 -12.39 1.78
N ASN B 118 26.80 -11.23 2.39
CA ASN B 118 25.94 -11.19 3.60
C ASN B 118 24.47 -10.96 3.23
N ALA B 119 24.19 -10.18 2.21
CA ALA B 119 22.82 -9.64 2.04
C ALA B 119 21.92 -10.59 1.25
N ALA B 120 20.64 -10.62 1.60
CA ALA B 120 19.61 -11.41 0.87
C ALA B 120 19.17 -10.70 -0.40
N TYR B 121 19.11 -9.36 -0.39
CA TYR B 121 18.36 -8.59 -1.39
C TYR B 121 18.97 -7.21 -1.58
N PHE B 122 19.01 -6.77 -2.84
CA PHE B 122 19.38 -5.41 -3.26
C PHE B 122 18.14 -4.74 -3.81
N LEU B 123 17.57 -3.80 -3.06
CA LEU B 123 16.35 -3.10 -3.48
C LEU B 123 16.72 -1.68 -3.96
N PHE B 124 16.54 -1.45 -5.24
CA PHE B 124 16.74 -0.12 -5.88
C PHE B 124 15.37 0.49 -6.14
N PHE B 125 15.15 1.70 -5.66
CA PHE B 125 13.83 2.37 -5.89
C PHE B 125 14.02 3.88 -5.96
N ARG B 126 13.06 4.55 -6.59
CA ARG B 126 13.11 6.02 -6.73
C ARG B 126 11.73 6.61 -6.39
N ASN B 127 11.70 7.61 -5.51
CA ASN B 127 10.43 8.32 -5.19
C ASN B 127 10.57 9.70 -5.85
N LYS B 128 9.57 10.11 -6.63
CA LYS B 128 9.69 11.42 -7.31
C LYS B 128 8.40 12.18 -7.04
N GLY B 129 8.49 13.43 -6.55
CA GLY B 129 7.33 14.32 -6.43
C GLY B 129 7.09 14.77 -5.01
N LYS B 130 7.04 16.10 -4.80
CA LYS B 130 6.65 16.68 -3.49
C LYS B 130 5.32 16.01 -3.00
N GLU B 131 4.41 15.76 -3.92
CA GLU B 131 3.03 15.26 -3.56
C GLU B 131 3.09 13.87 -2.93
N ILE B 132 4.19 13.13 -3.08
CA ILE B 132 4.30 11.80 -2.43
C ILE B 132 5.42 11.85 -1.39
N GLY B 133 5.77 13.07 -0.93
CA GLY B 133 6.56 13.27 0.30
C GLY B 133 8.06 13.47 0.02
N VAL B 134 8.47 13.66 -1.24
CA VAL B 134 9.90 13.94 -1.55
C VAL B 134 10.11 15.44 -1.38
N SER B 135 10.54 15.84 -0.18
CA SER B 135 10.79 17.28 0.17
C SER B 135 12.16 17.73 -0.38
N LEU B 136 13.15 16.84 -0.36
CA LEU B 136 14.49 17.13 -0.95
C LEU B 136 14.34 17.23 -2.45
N THR B 137 14.82 18.32 -3.04
CA THR B 137 14.54 18.65 -4.45
C THR B 137 15.73 18.21 -5.33
N HIS B 138 16.92 17.94 -4.74
CA HIS B 138 18.09 17.40 -5.50
C HIS B 138 17.77 15.97 -5.95
N PRO B 139 17.91 15.70 -7.25
CA PRO B 139 17.55 14.38 -7.77
C PRO B 139 18.37 13.25 -7.13
N PHE B 140 17.68 12.21 -6.67
CA PHE B 140 18.35 11.05 -6.06
C PHE B 140 17.40 9.87 -6.14
N SER B 141 17.99 8.71 -6.00
CA SER B 141 17.28 7.45 -5.79
C SER B 141 17.91 6.73 -4.58
N GLN B 142 17.36 5.59 -4.19
CA GLN B 142 17.75 4.89 -2.95
C GLN B 142 18.06 3.42 -3.25
N ILE B 143 18.97 2.88 -2.43
CA ILE B 143 19.20 1.43 -2.34
C ILE B 143 19.06 1.01 -0.89
N TYR B 144 18.27 -0.02 -0.66
CA TYR B 144 18.31 -0.80 0.59
C TYR B 144 18.94 -2.15 0.27
N ILE B 145 20.06 -2.43 0.95
CA ILE B 145 20.69 -3.78 0.97
C ILE B 145 20.21 -4.46 2.23
N LEU B 146 19.46 -5.54 2.08
CA LEU B 146 18.61 -6.07 3.14
C LEU B 146 18.95 -7.50 3.46
N PRO B 147 18.64 -7.93 4.69
CA PRO B 147 18.82 -9.34 5.11
C PRO B 147 17.58 -10.21 4.85
N VAL B 148 16.56 -9.64 4.24
CA VAL B 148 15.29 -10.34 3.93
C VAL B 148 14.92 -9.97 2.52
N VAL B 149 14.09 -10.82 1.92
CA VAL B 149 13.52 -10.48 0.61
C VAL B 149 12.26 -9.64 0.84
N PRO B 150 12.09 -8.51 0.15
CA PRO B 150 10.86 -7.72 0.22
C PRO B 150 9.59 -8.54 -0.01
N PRO B 151 8.59 -8.47 0.89
CA PRO B 151 7.45 -9.39 0.76
C PRO B 151 6.70 -9.39 -0.60
N ARG B 152 6.62 -8.23 -1.24
CA ARG B 152 6.01 -8.16 -2.59
C ARG B 152 6.82 -9.02 -3.58
N VAL B 153 8.15 -8.89 -3.50
CA VAL B 153 9.03 -9.71 -4.38
C VAL B 153 8.88 -11.19 -4.00
N ARG B 154 8.76 -11.50 -2.72
CA ARG B 154 8.61 -12.92 -2.30
C ARG B 154 7.34 -13.51 -2.94
N ALA B 155 6.25 -12.75 -2.94
CA ALA B 155 4.97 -13.23 -3.53
C ALA B 155 5.18 -13.49 -5.04
N GLU B 156 5.87 -12.57 -5.73
CA GLU B 156 6.12 -12.71 -7.18
C GLU B 156 7.00 -13.96 -7.40
N LEU B 157 8.04 -14.14 -6.59
CA LEU B 157 8.92 -15.34 -6.72
C LEU B 157 8.08 -16.61 -6.61
N GLN B 158 7.19 -16.69 -5.63
CA GLN B 158 6.40 -17.93 -5.38
C GLN B 158 5.52 -18.19 -6.60
N ALA B 159 4.77 -17.19 -7.04
CA ALA B 159 3.86 -17.32 -8.21
C ALA B 159 4.67 -17.68 -9.47
N SER B 160 5.82 -17.08 -9.63
CA SER B 160 6.68 -17.30 -10.83
C SER B 160 7.15 -18.76 -10.84
N TYR B 161 7.53 -19.24 -9.68
CA TYR B 161 7.98 -20.63 -9.52
C TYR B 161 6.83 -21.58 -9.82
N GLU B 162 5.65 -21.36 -9.25
CA GLU B 162 4.52 -22.31 -9.42
C GLU B 162 4.10 -22.38 -10.89
N TRP B 163 4.08 -21.25 -11.58
CA TRP B 163 3.75 -21.20 -13.03
C TRP B 163 4.77 -22.07 -13.76
N TYR B 164 6.03 -21.86 -13.41
CA TYR B 164 7.19 -22.56 -14.00
C TYR B 164 7.04 -24.07 -13.81
N VAL B 165 6.58 -24.54 -12.64
CA VAL B 165 6.41 -26.02 -12.40
C VAL B 165 5.28 -26.54 -13.29
N LYS B 166 4.16 -25.84 -13.32
CA LYS B 166 2.92 -26.28 -13.99
C LYS B 166 3.11 -26.16 -15.51
N HIS B 167 3.93 -25.22 -16.00
CA HIS B 167 3.93 -24.88 -17.45
C HIS B 167 5.30 -25.09 -18.14
N GLY B 168 6.40 -25.20 -17.41
CA GLY B 168 7.75 -25.47 -18.00
C GLY B 168 8.43 -24.23 -18.57
N SER B 169 7.90 -23.03 -18.35
CA SER B 169 8.52 -21.82 -18.95
C SER B 169 8.50 -20.67 -17.93
N CYS B 170 9.13 -19.54 -18.30
CA CYS B 170 9.12 -18.31 -17.48
C CYS B 170 7.84 -17.56 -17.82
N LEU B 171 6.98 -17.31 -16.83
CA LEU B 171 5.72 -16.56 -17.07
C LEU B 171 6.05 -15.16 -17.58
N HIS B 172 7.10 -14.53 -17.03
CA HIS B 172 7.50 -13.17 -17.43
C HIS B 172 7.88 -13.19 -18.93
N CYS B 173 8.71 -14.14 -19.37
CA CYS B 173 9.05 -14.34 -20.80
C CYS B 173 7.78 -14.43 -21.66
N ARG B 174 6.75 -15.19 -21.22
CA ARG B 174 5.51 -15.37 -22.02
C ARG B 174 4.76 -14.04 -22.10
N ILE B 175 4.68 -13.34 -20.96
CA ILE B 175 4.02 -11.99 -20.95
C ILE B 175 4.74 -11.02 -21.89
N VAL B 176 6.05 -10.95 -21.81
CA VAL B 176 6.84 -9.98 -22.62
C VAL B 176 6.65 -10.26 -24.13
N GLU B 177 6.71 -11.52 -24.54
CA GLU B 177 6.56 -11.94 -25.96
C GLU B 177 5.15 -11.55 -26.44
N LYS B 178 4.13 -11.62 -25.59
CA LYS B 178 2.73 -11.38 -26.02
C LYS B 178 2.37 -9.92 -26.06
N GLU B 179 3.09 -9.03 -25.38
CA GLU B 179 2.63 -7.62 -25.20
C GLU B 179 2.75 -6.86 -26.52
N GLU B 180 1.62 -6.32 -27.01
CA GLU B 180 1.61 -5.50 -28.24
C GLU B 180 0.63 -4.31 -28.05
N LYS B 181 -0.64 -4.63 -27.80
CA LYS B 181 -1.74 -3.65 -27.62
C LYS B 181 -1.30 -2.63 -26.56
N ARG B 182 -0.64 -3.07 -25.49
CA ARG B 182 -0.32 -2.17 -24.34
C ARG B 182 1.17 -1.79 -24.34
N LEU B 183 1.90 -2.12 -25.41
CA LEU B 183 3.32 -1.75 -25.56
C LEU B 183 3.37 -0.22 -25.74
N VAL B 184 4.21 0.47 -24.99
CA VAL B 184 4.40 1.92 -25.19
C VAL B 184 5.78 2.18 -25.84
N PHE B 185 6.75 1.31 -25.62
CA PHE B 185 8.11 1.51 -26.19
C PHE B 185 8.85 0.18 -26.22
N GLN B 186 9.65 0.00 -27.27
CA GLN B 186 10.63 -1.12 -27.23
C GLN B 186 11.90 -0.72 -27.97
N ASN B 187 12.97 -1.39 -27.64
CA ASN B 187 14.24 -1.30 -28.39
C ASN B 187 14.85 -2.69 -28.43
N ARG B 188 16.09 -2.80 -28.89
CA ARG B 188 16.76 -4.08 -29.13
C ARG B 188 16.63 -4.97 -27.91
N ASN B 189 16.72 -4.40 -26.71
CA ASN B 189 16.91 -5.18 -25.45
C ASN B 189 15.75 -5.05 -24.46
N TRP B 190 14.81 -4.13 -24.65
CA TRP B 190 13.78 -3.88 -23.60
C TRP B 190 12.40 -3.68 -24.20
N LYS B 191 11.36 -4.07 -23.42
CA LYS B 191 9.96 -3.76 -23.78
C LYS B 191 9.35 -3.02 -22.60
N ALA B 192 8.70 -1.88 -22.82
CA ALA B 192 7.96 -1.12 -21.78
C ALA B 192 6.48 -1.22 -22.14
N PHE B 193 5.64 -1.62 -21.18
CA PHE B 193 4.22 -1.86 -21.48
C PHE B 193 3.42 -1.61 -20.21
N VAL B 194 2.17 -1.28 -20.40
CA VAL B 194 1.20 -1.24 -19.27
C VAL B 194 0.74 -2.67 -19.06
N PRO B 195 0.99 -3.28 -17.88
CA PRO B 195 0.53 -4.63 -17.66
C PRO B 195 -0.98 -4.73 -17.66
N PHE B 196 -1.48 -5.89 -18.05
CA PHE B 196 -2.93 -6.17 -18.01
C PHE B 196 -3.44 -5.94 -16.59
N TYR B 197 -2.61 -6.32 -15.63
CA TYR B 197 -2.88 -6.28 -14.15
C TYR B 197 -2.34 -4.99 -13.53
N ALA B 198 -2.23 -3.89 -14.28
CA ALA B 198 -1.87 -2.57 -13.69
C ALA B 198 -2.81 -2.26 -12.52
N LYS B 199 -2.26 -1.65 -11.45
CA LYS B 199 -3.06 -1.23 -10.26
C LYS B 199 -3.00 0.29 -10.04
N TRP B 200 -2.00 0.98 -10.62
CA TRP B 200 -1.83 2.43 -10.38
C TRP B 200 -2.23 3.18 -11.62
N PRO B 201 -2.61 4.46 -11.51
CA PRO B 201 -3.29 5.17 -12.61
C PRO B 201 -2.49 5.20 -13.92
N HIS B 202 -1.18 5.36 -13.85
CA HIS B 202 -0.26 5.24 -15.01
C HIS B 202 0.89 4.27 -14.71
N GLU B 203 0.73 2.99 -15.03
CA GLU B 203 1.73 2.00 -14.59
C GLU B 203 2.38 1.42 -15.81
N VAL B 204 3.68 1.43 -15.81
CA VAL B 204 4.49 0.85 -16.92
C VAL B 204 5.54 -0.08 -16.30
N HIS B 205 5.69 -1.27 -16.88
CA HIS B 205 6.72 -2.26 -16.46
C HIS B 205 7.73 -2.35 -17.59
N ILE B 206 9.00 -2.31 -17.25
CA ILE B 206 10.11 -2.37 -18.24
C ILE B 206 10.89 -3.66 -18.02
N TYR B 207 10.80 -4.56 -18.99
CA TYR B 207 11.41 -5.90 -18.97
C TYR B 207 12.55 -5.96 -19.96
N PRO B 208 13.62 -6.69 -19.63
CA PRO B 208 14.58 -7.10 -20.65
C PRO B 208 13.98 -8.19 -21.52
N LYS B 209 14.26 -8.13 -22.82
CA LYS B 209 13.75 -9.14 -23.79
C LYS B 209 14.46 -10.49 -23.58
N ARG B 210 15.71 -10.50 -23.13
CA ARG B 210 16.40 -11.74 -22.73
C ARG B 210 16.04 -12.02 -21.27
N HIS B 211 15.87 -13.27 -20.93
CA HIS B 211 15.58 -13.64 -19.52
C HIS B 211 16.82 -13.27 -18.69
N ARG B 212 16.69 -12.31 -17.81
CA ARG B 212 17.75 -11.89 -16.86
C ARG B 212 17.06 -11.77 -15.50
N SER B 213 17.73 -12.25 -14.46
CA SER B 213 17.23 -12.31 -13.07
C SER B 213 17.78 -11.19 -12.22
N LEU B 214 19.00 -10.76 -12.48
CA LEU B 214 19.77 -9.82 -11.62
C LEU B 214 20.33 -8.69 -12.48
N LEU B 215 20.34 -7.49 -11.91
CA LEU B 215 20.88 -6.29 -12.54
C LEU B 215 22.33 -6.56 -12.99
N THR B 216 23.06 -7.35 -12.19
CA THR B 216 24.46 -7.70 -12.47
C THR B 216 24.62 -8.62 -13.68
N GLU B 217 23.55 -9.19 -14.21
CA GLU B 217 23.69 -10.07 -15.41
C GLU B 217 23.61 -9.24 -16.69
N LEU B 218 23.25 -7.96 -16.60
CA LEU B 218 22.98 -7.17 -17.80
C LEU B 218 24.32 -6.90 -18.47
N THR B 219 24.36 -7.05 -19.78
CA THR B 219 25.56 -6.66 -20.57
C THR B 219 25.59 -5.13 -20.63
N ASP B 220 26.72 -4.58 -21.08
CA ASP B 220 26.82 -3.12 -21.25
C ASP B 220 25.80 -2.61 -22.24
N GLU B 221 25.55 -3.34 -23.32
CA GLU B 221 24.56 -2.92 -24.34
C GLU B 221 23.18 -2.92 -23.71
N GLU B 222 22.85 -3.93 -22.91
CA GLU B 222 21.55 -3.93 -22.20
C GLU B 222 21.45 -2.72 -21.24
N VAL B 223 22.51 -2.35 -20.53
CA VAL B 223 22.50 -1.14 -19.67
C VAL B 223 22.24 0.11 -20.51
N ALA B 224 22.89 0.26 -21.66
CA ALA B 224 22.74 1.45 -22.52
C ALA B 224 21.31 1.53 -23.01
N ASP B 225 20.76 0.38 -23.40
CA ASP B 225 19.39 0.33 -23.95
C ASP B 225 18.42 0.57 -22.80
N LEU B 226 18.77 0.18 -21.57
CA LEU B 226 17.88 0.40 -20.40
C LEU B 226 17.83 1.91 -20.14
N ALA B 227 18.98 2.56 -20.20
CA ALA B 227 19.03 4.03 -20.03
C ALA B 227 18.05 4.67 -21.01
N GLU B 228 18.05 4.19 -22.25
CA GLU B 228 17.15 4.77 -23.29
C GLU B 228 15.71 4.49 -22.91
N ALA B 229 15.38 3.23 -22.58
CA ALA B 229 13.98 2.87 -22.27
C ALA B 229 13.51 3.70 -21.06
N LEU B 230 14.33 3.90 -20.03
CA LEU B 230 13.88 4.65 -18.84
C LEU B 230 13.69 6.11 -19.21
N LYS B 231 14.63 6.68 -19.95
CA LYS B 231 14.60 8.12 -20.27
C LYS B 231 13.29 8.40 -21.03
N ILE B 232 13.03 7.60 -22.05
CA ILE B 232 11.87 7.81 -22.95
C ILE B 232 10.59 7.56 -22.17
N THR B 233 10.53 6.47 -21.39
CA THR B 233 9.28 6.09 -20.66
C THR B 233 8.94 7.17 -19.63
N LEU B 234 9.94 7.63 -18.89
CA LEU B 234 9.71 8.67 -17.86
C LEU B 234 9.41 10.01 -18.53
N CYS B 235 10.05 10.32 -19.67
CA CYS B 235 9.69 11.51 -20.49
C CYS B 235 8.19 11.46 -20.79
N ALA B 236 7.69 10.33 -21.20
CA ALA B 236 6.28 10.19 -21.57
C ALA B 236 5.43 10.40 -20.33
N LEU B 237 5.79 9.78 -19.22
CA LEU B 237 5.00 9.93 -17.98
C LEU B 237 5.02 11.39 -17.49
N LYS B 238 6.12 12.12 -17.71
CA LYS B 238 6.24 13.55 -17.32
C LYS B 238 5.20 14.37 -18.08
N GLN B 239 4.83 14.01 -19.29
CA GLN B 239 3.99 14.85 -20.19
C GLN B 239 2.55 14.34 -20.32
N VAL B 240 2.29 13.06 -20.04
CA VAL B 240 0.99 12.44 -20.46
C VAL B 240 -0.21 13.14 -19.79
N ALA B 241 -0.06 13.62 -18.55
CA ALA B 241 -1.17 14.19 -17.76
C ALA B 241 -1.20 15.71 -17.88
N GLY B 242 -0.31 16.28 -18.70
CA GLY B 242 -0.28 17.73 -18.99
C GLY B 242 0.52 18.51 -17.96
N ILE B 243 1.00 17.87 -16.89
CA ILE B 243 1.91 18.44 -15.87
C ILE B 243 2.76 17.28 -15.40
N PRO B 244 3.95 17.56 -14.85
CA PRO B 244 4.86 16.52 -14.40
C PRO B 244 4.19 15.70 -13.29
N MET B 245 4.28 14.39 -13.41
CA MET B 245 3.52 13.44 -12.56
C MET B 245 4.48 12.92 -11.51
N PRO B 246 4.04 12.84 -10.25
CA PRO B 246 4.79 12.11 -9.19
C PRO B 246 4.74 10.64 -9.54
N TYR B 247 5.79 9.91 -9.22
CA TYR B 247 5.91 8.48 -9.55
C TYR B 247 6.81 7.81 -8.55
N ILE B 248 6.60 6.50 -8.51
CA ILE B 248 7.43 5.55 -7.77
C ILE B 248 8.05 4.60 -8.80
N MET B 249 9.35 4.36 -8.71
CA MET B 249 10.01 3.35 -9.54
C MET B 249 10.66 2.32 -8.63
N VAL B 250 10.50 1.06 -8.91
CA VAL B 250 11.12 -0.03 -8.12
C VAL B 250 11.67 -1.10 -9.05
N LEU B 251 12.86 -1.61 -8.74
CA LEU B 251 13.41 -2.75 -9.47
C LEU B 251 13.01 -4.04 -8.75
N HIS B 252 12.24 -4.88 -9.45
CA HIS B 252 11.93 -6.26 -9.00
C HIS B 252 12.94 -7.21 -9.62
N GLN B 253 13.87 -7.70 -8.82
CA GLN B 253 14.87 -8.69 -9.29
C GLN B 253 14.96 -9.87 -8.35
N ALA B 254 15.67 -10.91 -8.77
CA ALA B 254 15.85 -12.09 -7.92
C ALA B 254 16.56 -11.71 -6.62
N PRO B 255 16.41 -12.50 -5.54
CA PRO B 255 17.31 -12.38 -4.39
C PRO B 255 18.79 -12.62 -4.82
N LEU B 256 19.67 -12.03 -4.05
CA LEU B 256 21.12 -12.20 -4.30
C LEU B 256 21.49 -13.63 -3.93
N PRO B 257 22.53 -14.18 -4.57
CA PRO B 257 23.28 -13.55 -5.67
C PRO B 257 23.32 -14.36 -6.97
N ARG B 258 22.40 -15.31 -7.14
CA ARG B 258 22.37 -16.22 -8.30
C ARG B 258 21.11 -16.04 -9.09
N PRO B 259 21.18 -16.13 -10.43
CA PRO B 259 19.95 -16.08 -11.20
C PRO B 259 19.14 -17.36 -11.09
N THR B 260 17.92 -17.30 -11.61
CA THR B 260 16.98 -18.42 -11.66
C THR B 260 16.28 -18.34 -13.00
N GLN B 261 15.84 -19.49 -13.45
CA GLN B 261 15.14 -19.71 -14.73
C GLN B 261 13.71 -19.17 -14.63
N TYR B 262 13.17 -19.03 -13.39
CA TYR B 262 11.70 -18.76 -13.22
C TYR B 262 11.41 -17.30 -12.89
N TYR B 263 12.41 -16.48 -12.55
CA TYR B 263 12.16 -15.07 -12.16
C TYR B 263 13.01 -14.18 -13.05
N HIS B 264 12.41 -13.07 -13.42
CA HIS B 264 12.86 -12.25 -14.57
C HIS B 264 12.78 -10.81 -14.07
N LEU B 265 13.91 -10.11 -14.01
CA LEU B 265 13.92 -8.72 -13.48
C LEU B 265 13.08 -7.77 -14.32
N HIS B 266 12.48 -6.79 -13.65
CA HIS B 266 11.71 -5.74 -14.35
C HIS B 266 11.69 -4.52 -13.45
N PHE B 267 11.54 -3.36 -14.07
CA PHE B 267 11.27 -2.12 -13.35
C PHE B 267 9.76 -1.92 -13.37
N GLU B 268 9.19 -1.53 -12.23
CA GLU B 268 7.76 -1.14 -12.19
C GLU B 268 7.71 0.35 -11.88
N ILE B 269 6.98 1.09 -12.69
CA ILE B 269 6.85 2.55 -12.51
C ILE B 269 5.37 2.79 -12.20
N TYR B 270 5.08 3.43 -11.07
CA TYR B 270 3.69 3.76 -10.69
C TYR B 270 3.55 5.25 -10.84
N GLY B 271 2.96 5.71 -11.94
CA GLY B 271 2.60 7.13 -12.08
C GLY B 271 1.32 7.43 -11.30
N MET B 272 1.34 8.40 -10.40
CA MET B 272 0.33 8.56 -9.34
C MET B 272 -0.66 9.67 -9.65
N TYR B 273 -0.69 10.23 -10.88
CA TYR B 273 -1.83 11.08 -11.30
C TYR B 273 -2.84 10.23 -12.07
N ARG B 274 -4.12 10.41 -11.80
CA ARG B 274 -5.16 9.99 -12.76
C ARG B 274 -5.00 10.85 -14.04
N PRO B 275 -5.67 10.36 -15.13
CA PRO B 275 -5.63 11.07 -16.41
C PRO B 275 -5.98 12.56 -16.36
N ASP B 276 -6.71 12.96 -15.32
CA ASP B 276 -7.15 14.36 -15.09
C ASP B 276 -6.06 15.20 -14.40
N GLY B 277 -4.95 14.57 -14.01
CA GLY B 277 -3.83 15.31 -13.37
C GLY B 277 -3.92 15.47 -11.85
N LYS B 278 -4.87 14.75 -11.24
CA LYS B 278 -5.15 14.74 -9.78
C LYS B 278 -4.53 13.51 -9.12
N LEU B 279 -4.05 13.70 -7.91
CA LEU B 279 -3.21 12.70 -7.21
C LEU B 279 -4.10 11.52 -6.77
N LYS B 280 -3.67 10.32 -7.03
CA LYS B 280 -4.21 9.06 -6.49
C LYS B 280 -3.53 8.80 -5.13
N HIS B 281 -4.29 8.56 -4.06
CA HIS B 281 -3.69 8.25 -2.72
C HIS B 281 -3.90 6.77 -2.45
N ALA B 282 -2.93 6.10 -1.83
CA ALA B 282 -3.16 4.71 -1.39
C ALA B 282 -3.84 4.87 -0.02
N ALA B 283 -5.08 4.39 0.12
CA ALA B 283 -5.82 4.59 1.39
C ALA B 283 -6.42 3.28 1.92
N GLY B 284 -7.70 3.32 2.32
CA GLY B 284 -8.32 2.13 2.94
C GLY B 284 -8.37 0.90 2.05
N ALA B 285 -8.79 1.03 0.79
CA ALA B 285 -8.84 -0.16 -0.08
C ALA B 285 -7.43 -0.69 -0.30
N GLU B 286 -6.46 0.20 -0.62
CA GLU B 286 -5.12 -0.27 -1.03
C GLU B 286 -4.33 -0.71 0.21
N LEU B 287 -4.22 0.14 1.19
CA LEU B 287 -3.36 -0.10 2.38
C LEU B 287 -4.10 -1.05 3.34
N GLY B 288 -5.40 -0.86 3.46
CA GLY B 288 -6.27 -1.68 4.36
C GLY B 288 -6.53 -3.06 3.84
N ALA B 289 -6.68 -3.25 2.52
CA ALA B 289 -7.26 -4.49 1.98
C ALA B 289 -6.42 -5.09 0.84
N SER B 290 -5.40 -4.38 0.37
CA SER B 290 -4.67 -4.76 -0.87
C SER B 290 -5.65 -4.93 -2.01
N LEU B 291 -6.63 -4.03 -2.09
CA LEU B 291 -7.59 -3.91 -3.19
C LEU B 291 -7.32 -2.62 -3.97
N PHE B 292 -7.35 -2.67 -5.31
CA PHE B 292 -6.96 -1.53 -6.17
C PHE B 292 -8.09 -1.27 -7.14
N THR B 293 -8.28 -0.01 -7.52
CA THR B 293 -9.34 0.47 -8.42
C THR B 293 -8.71 1.31 -9.55
N LEU B 294 -9.21 1.15 -10.76
CA LEU B 294 -8.77 1.95 -11.95
C LEU B 294 -10.04 2.55 -12.53
N ASP B 295 -10.06 3.85 -12.86
CA ASP B 295 -11.26 4.47 -13.46
C ASP B 295 -11.09 4.55 -14.98
N THR B 296 -9.98 4.03 -15.49
CA THR B 296 -9.62 3.95 -16.93
C THR B 296 -9.03 2.58 -17.24
N THR B 297 -9.30 1.97 -18.39
CA THR B 297 -8.70 0.65 -18.65
C THR B 297 -7.18 0.78 -18.82
N PRO B 298 -6.40 -0.28 -18.51
CA PRO B 298 -4.98 -0.33 -18.89
C PRO B 298 -4.72 -0.11 -20.39
N GLU B 299 -5.67 -0.59 -21.19
CA GLU B 299 -5.52 -0.48 -22.65
C GLU B 299 -5.57 1.04 -23.03
N GLU B 300 -6.57 1.78 -22.53
CA GLU B 300 -6.78 3.23 -22.88
C GLU B 300 -5.55 4.01 -22.33
N THR B 301 -5.08 3.64 -21.16
CA THR B 301 -3.89 4.30 -20.55
C THR B 301 -2.65 4.04 -21.40
N ALA B 302 -2.44 2.79 -21.85
CA ALA B 302 -1.29 2.47 -22.73
C ALA B 302 -1.36 3.36 -23.99
N ALA B 303 -2.54 3.49 -24.60
CA ALA B 303 -2.68 4.32 -25.83
C ALA B 303 -2.21 5.78 -25.50
N ARG B 304 -2.68 6.36 -24.39
CA ARG B 304 -2.34 7.78 -24.03
C ARG B 304 -0.84 7.94 -23.76
N ILE B 305 -0.26 6.98 -23.05
CA ILE B 305 1.20 7.00 -22.71
C ILE B 305 2.03 6.85 -24.03
N LYS B 306 1.63 5.90 -24.89
CA LYS B 306 2.32 5.68 -26.20
C LYS B 306 2.23 6.97 -27.04
N ALA B 307 1.08 7.64 -27.10
CA ALA B 307 0.94 8.88 -27.87
C ALA B 307 1.89 9.94 -27.29
N ALA B 308 1.92 10.09 -25.95
CA ALA B 308 2.78 11.08 -25.27
C ALA B 308 4.25 10.72 -25.58
N LEU B 309 4.55 9.43 -25.56
CA LEU B 309 5.92 8.89 -25.79
C LEU B 309 6.41 9.28 -27.20
N GLN B 310 5.53 9.38 -28.21
CA GLN B 310 5.99 9.67 -29.61
C GLN B 310 6.67 11.06 -29.65
N LYS B 311 6.21 12.01 -28.84
CA LYS B 311 6.78 13.39 -28.74
C LYS B 311 8.17 13.30 -28.13
N CYS B 312 8.39 12.38 -27.21
CA CYS B 312 9.69 12.19 -26.52
C CYS B 312 10.71 11.52 -27.46
N LEU B 313 10.35 11.05 -28.65
CA LEU B 313 11.30 10.27 -29.48
C LEU B 313 12.21 11.19 -30.30
#